data_3MRN
#
_entry.id   3MRN
#
_cell.length_a   97.943
_cell.length_b   37.935
_cell.length_c   119.858
_cell.angle_alpha   90.000
_cell.angle_beta   90.890
_cell.angle_gamma   90.000
#
_symmetry.space_group_name_H-M   'C 1 2 1'
#
loop_
_entity.id
_entity.type
_entity.pdbx_description
1 polymer 'HLA class I histocompatibility antigen, A-2 alpha chain'
2 polymer Beta-2-microglobulin
3 polymer '10-meric peptide from Genome polyprotein'
4 water water
#
loop_
_entity_poly.entity_id
_entity_poly.type
_entity_poly.pdbx_seq_one_letter_code
_entity_poly.pdbx_strand_id
1 'polypeptide(L)'
;GSHSMRYFFTSVSRPGRGEPRFIAVGYVDDTQFVRFDSDAASQRMEPRAPWIEQEGPEYWDGETRKVKAHSQTHRVDLGT
LRGYYNQSEAGSHTVQRMYGCDVGSDWRFLRGYHQYAYDGKDYIALKEDLRSWTAADMAAQTTKHKWEAAHVAEQLRAYL
EGTCVEWLRRYLENGKETLQRTDAPKTHMTHHAVSDHEATLRCWALSFYPAEITLTWQRDGEDQTQDTELVETRPAGDGT
FQKWVAVVVPSGQEQRYTCHVQHEGLPKPLTLRWEPGSLHHILDAQKMVWNHR
;
A
2 'polypeptide(L)'
;MIQRTPKIQVYSRHPAENGKSNFLNCYVSGFHPSDIEVDLLKNGERIEKVEHSDLSFSKDWSFYLLYYTEFTPTEKDEYA
CRVNHVTLSQPKIVKWDRDM
;
B
3 'polypeptide(L)' LLFNILGGWV P
#
# COMPACT_ATOMS: atom_id res chain seq x y z
N GLY A 1 -16.43 6.43 10.23
CA GLY A 1 -15.27 5.73 10.88
C GLY A 1 -14.08 6.67 10.95
N SER A 2 -12.97 6.18 11.48
CA SER A 2 -11.76 6.99 11.63
C SER A 2 -11.07 7.24 10.29
N HIS A 3 -10.24 8.27 10.22
CA HIS A 3 -9.62 8.60 8.93
C HIS A 3 -8.18 8.99 9.12
N SER A 4 -7.42 9.06 8.01
CA SER A 4 -6.03 9.45 8.12
C SER A 4 -5.53 10.07 6.83
N MET A 5 -4.47 10.88 6.94
CA MET A 5 -3.74 11.41 5.80
C MET A 5 -2.31 10.99 5.93
N ARG A 6 -1.76 10.44 4.83
CA ARG A 6 -0.42 9.89 4.84
C ARG A 6 0.38 10.23 3.59
N TYR A 7 1.58 10.74 3.78
CA TYR A 7 2.49 10.88 2.66
C TYR A 7 3.59 9.82 2.70
N PHE A 8 3.85 9.25 1.54
CA PHE A 8 4.80 8.17 1.40
C PHE A 8 5.87 8.62 0.39
N PHE A 9 7.15 8.63 0.78
CA PHE A 9 8.24 9.06 -0.12
C PHE A 9 9.31 7.98 -0.31
N THR A 10 9.73 7.79 -1.56
CA THR A 10 10.78 6.81 -1.91
C THR A 10 11.81 7.41 -2.84
N SER A 11 13.09 7.22 -2.53
N SER A 11 13.09 7.21 -2.52
CA SER A 11 14.16 7.74 -3.36
CA SER A 11 14.19 7.75 -3.32
C SER A 11 15.23 6.69 -3.53
C SER A 11 15.23 6.68 -3.52
N VAL A 12 15.47 6.28 -4.77
CA VAL A 12 16.37 5.19 -5.09
C VAL A 12 17.58 5.71 -5.84
N SER A 13 18.79 5.50 -5.31
CA SER A 13 19.97 6.01 -6.02
C SER A 13 20.27 5.19 -7.24
N ARG A 14 20.75 5.85 -8.28
CA ARG A 14 21.17 5.18 -9.49
C ARG A 14 22.68 5.39 -9.60
N PRO A 15 23.44 4.36 -9.24
CA PRO A 15 24.88 4.47 -9.01
C PRO A 15 25.58 5.25 -10.09
N GLY A 16 25.23 4.96 -11.34
CA GLY A 16 25.97 5.48 -12.48
C GLY A 16 25.40 6.70 -13.19
N ARG A 17 24.08 6.84 -13.19
CA ARG A 17 23.45 7.93 -13.95
C ARG A 17 22.69 8.98 -13.12
N GLY A 18 23.44 9.70 -12.29
CA GLY A 18 22.96 10.94 -11.66
C GLY A 18 21.74 10.88 -10.74
N GLU A 19 20.71 11.60 -11.14
CA GLU A 19 19.53 11.84 -10.31
C GLU A 19 18.88 10.56 -9.79
N PRO A 20 18.55 10.54 -8.49
CA PRO A 20 17.83 9.43 -7.91
C PRO A 20 16.48 9.32 -8.56
N ARG A 21 15.85 8.15 -8.50
CA ARG A 21 14.42 8.04 -8.79
C ARG A 21 13.67 8.42 -7.51
N PHE A 22 12.65 9.26 -7.63
CA PHE A 22 11.91 9.75 -6.47
C PHE A 22 10.42 9.65 -6.77
N ILE A 23 9.71 8.92 -5.93
CA ILE A 23 8.26 8.78 -6.06
C ILE A 23 7.60 9.21 -4.76
N ALA A 24 6.71 10.20 -4.86
CA ALA A 24 5.94 10.63 -3.71
C ALA A 24 4.44 10.43 -3.98
N VAL A 25 3.73 9.92 -2.99
CA VAL A 25 2.28 9.71 -3.13
C VAL A 25 1.59 10.11 -1.85
N GLY A 26 0.41 10.72 -1.99
CA GLY A 26 -0.40 11.14 -0.86
C GLY A 26 -1.68 10.32 -0.81
N TYR A 27 -2.08 9.92 0.39
CA TYR A 27 -3.31 9.16 0.58
C TYR A 27 -4.25 9.84 1.57
N VAL A 28 -5.56 9.73 1.31
CA VAL A 28 -6.52 9.90 2.38
C VAL A 28 -7.19 8.53 2.58
N ASP A 29 -6.93 7.92 3.72
CA ASP A 29 -7.39 6.57 3.92
C ASP A 29 -6.71 5.72 2.86
N ASP A 30 -7.49 4.93 2.13
CA ASP A 30 -6.91 3.97 1.19
C ASP A 30 -6.89 4.49 -0.23
N THR A 31 -7.33 5.73 -0.39
CA THR A 31 -7.50 6.37 -1.68
C THR A 31 -6.33 7.35 -1.94
N GLN A 32 -5.55 7.06 -2.98
CA GLN A 32 -4.47 7.92 -3.43
C GLN A 32 -5.01 9.19 -4.07
N PHE A 33 -4.48 10.36 -3.71
CA PHE A 33 -5.05 11.61 -4.22
C PHE A 33 -4.06 12.54 -4.91
N VAL A 34 -2.78 12.38 -4.63
CA VAL A 34 -1.76 13.12 -5.36
C VAL A 34 -0.53 12.26 -5.58
N ARG A 35 0.25 12.60 -6.60
CA ARG A 35 1.52 11.93 -6.86
C ARG A 35 2.56 12.83 -7.53
N PHE A 36 3.83 12.51 -7.30
CA PHE A 36 4.93 13.12 -8.04
C PHE A 36 5.87 12.00 -8.45
N ASP A 37 6.34 12.03 -9.68
CA ASP A 37 7.31 11.05 -10.13
C ASP A 37 8.38 11.77 -10.91
N SER A 38 9.63 11.65 -10.47
CA SER A 38 10.72 12.44 -11.09
C SER A 38 11.04 11.99 -12.50
N ASP A 39 10.51 10.83 -12.88
CA ASP A 39 10.68 10.31 -14.24
C ASP A 39 9.65 10.83 -15.24
N ALA A 40 8.51 11.34 -14.75
CA ALA A 40 7.47 11.89 -15.63
C ALA A 40 7.83 13.30 -16.08
N ALA A 41 7.10 13.79 -17.07
CA ALA A 41 7.53 14.96 -17.83
C ALA A 41 7.05 16.30 -17.27
N SER A 42 5.99 16.27 -16.47
CA SER A 42 5.39 17.52 -16.01
C SER A 42 6.20 18.17 -14.90
N GLN A 43 6.93 17.34 -14.15
CA GLN A 43 7.71 17.79 -12.99
C GLN A 43 6.86 18.58 -11.99
N ARG A 44 5.56 18.26 -11.95
CA ARG A 44 4.67 18.86 -10.97
C ARG A 44 3.95 17.81 -10.15
N MET A 45 3.37 18.23 -9.03
CA MET A 45 2.46 17.37 -8.27
C MET A 45 1.24 17.22 -9.14
N GLU A 46 0.75 15.99 -9.34
CA GLU A 46 -0.40 15.73 -10.21
C GLU A 46 -1.60 15.19 -9.44
N PRO A 47 -2.81 15.52 -9.89
CA PRO A 47 -3.93 14.99 -9.14
C PRO A 47 -4.17 13.52 -9.44
N ARG A 48 -4.79 12.81 -8.50
CA ARG A 48 -5.16 11.42 -8.75
C ARG A 48 -6.61 11.14 -8.33
N ALA A 49 -7.30 12.18 -7.87
CA ALA A 49 -8.68 12.03 -7.42
C ALA A 49 -9.41 13.27 -7.83
N PRO A 50 -10.71 13.14 -8.14
CA PRO A 50 -11.47 14.27 -8.69
C PRO A 50 -11.59 15.41 -7.68
N TRP A 51 -11.77 15.08 -6.42
CA TRP A 51 -12.04 16.07 -5.41
C TRP A 51 -10.81 16.91 -5.01
N ILE A 52 -9.67 16.64 -5.64
CA ILE A 52 -8.49 17.49 -5.44
C ILE A 52 -8.24 18.41 -6.63
N GLU A 53 -8.91 18.11 -7.73
CA GLU A 53 -8.70 18.79 -9.00
C GLU A 53 -9.33 20.18 -9.01
N GLN A 54 -10.11 20.47 -7.97
CA GLN A 54 -10.75 21.77 -7.80
C GLN A 54 -9.86 22.76 -7.04
N GLU A 55 -8.75 22.29 -6.50
CA GLU A 55 -7.82 23.15 -5.77
C GLU A 55 -7.10 24.04 -6.79
N GLY A 56 -6.90 25.30 -6.44
CA GLY A 56 -6.41 26.29 -7.40
C GLY A 56 -4.91 26.24 -7.60
N PRO A 57 -4.37 27.16 -8.40
CA PRO A 57 -2.95 27.08 -8.76
C PRO A 57 -2.03 27.30 -7.58
N GLU A 58 -2.49 28.06 -6.59
CA GLU A 58 -1.72 28.30 -5.38
C GLU A 58 -1.41 26.98 -4.69
N TYR A 59 -2.40 26.10 -4.66
CA TYR A 59 -2.22 24.78 -4.08
C TYR A 59 -1.16 24.02 -4.85
N TRP A 60 -1.29 24.00 -6.18
CA TRP A 60 -0.42 23.16 -7.02
C TRP A 60 1.00 23.70 -7.07
N ASP A 61 1.15 25.02 -7.02
CA ASP A 61 2.47 25.64 -6.92
C ASP A 61 3.13 25.27 -5.58
N GLY A 62 2.44 25.50 -4.47
CA GLY A 62 2.89 25.07 -3.15
C GLY A 62 3.26 23.59 -3.04
N GLU A 63 2.38 22.73 -3.53
CA GLU A 63 2.58 21.29 -3.46
C GLU A 63 3.76 20.82 -4.31
N THR A 64 3.96 21.41 -5.49
CA THR A 64 5.14 21.14 -6.31
C THR A 64 6.38 21.70 -5.64
N ARG A 65 6.30 22.94 -5.16
CA ARG A 65 7.41 23.50 -4.42
C ARG A 65 7.84 22.55 -3.31
N LYS A 66 6.93 22.19 -2.42
CA LYS A 66 7.36 21.41 -1.25
C LYS A 66 7.78 19.98 -1.59
N VAL A 67 7.27 19.44 -2.70
CA VAL A 67 7.62 18.07 -3.06
C VAL A 67 8.96 18.04 -3.79
N LYS A 68 9.29 19.11 -4.52
CA LYS A 68 10.66 19.27 -5.01
C LYS A 68 11.64 19.27 -3.84
N ALA A 69 11.44 20.15 -2.87
CA ALA A 69 12.31 20.21 -1.69
C ALA A 69 12.45 18.86 -0.95
N HIS A 70 11.40 18.05 -0.90
CA HIS A 70 11.51 16.69 -0.33
C HIS A 70 12.48 15.83 -1.15
N SER A 71 12.35 15.91 -2.46
CA SER A 71 13.24 15.30 -3.43
C SER A 71 14.70 15.68 -3.20
N GLN A 72 14.99 16.99 -3.23
CA GLN A 72 16.37 17.50 -3.04
C GLN A 72 16.99 17.03 -1.75
N THR A 73 16.15 16.84 -0.73
CA THR A 73 16.60 16.51 0.60
C THR A 73 17.05 15.06 0.66
N HIS A 74 16.21 14.19 0.12
CA HIS A 74 16.51 12.78 0.04
C HIS A 74 17.72 12.55 -0.84
N ARG A 75 17.83 13.30 -1.94
CA ARG A 75 18.98 13.16 -2.84
C ARG A 75 20.33 13.47 -2.20
N VAL A 76 20.32 14.36 -1.21
CA VAL A 76 21.52 14.74 -0.42
C VAL A 76 21.75 13.77 0.75
N ASP A 77 20.65 13.22 1.28
CA ASP A 77 20.68 12.18 2.30
C ASP A 77 21.30 10.90 1.74
N LEU A 78 20.95 10.57 0.51
CA LEU A 78 21.55 9.40 -0.13
C LEU A 78 23.08 9.47 -0.04
N GLY A 79 23.66 10.60 -0.40
CA GLY A 79 25.13 10.77 -0.28
C GLY A 79 25.62 10.72 1.16
N THR A 80 24.94 11.47 2.04
CA THR A 80 25.27 11.51 3.46
C THR A 80 25.28 10.10 4.07
N LEU A 81 24.17 9.39 3.87
CA LEU A 81 24.01 8.06 4.45
C LEU A 81 25.08 7.10 3.95
N ARG A 82 25.44 7.26 2.68
CA ARG A 82 26.50 6.44 2.10
C ARG A 82 27.82 6.68 2.84
N GLY A 83 28.07 7.91 3.23
CA GLY A 83 29.23 8.25 4.07
C GLY A 83 29.10 7.63 5.45
N TYR A 84 27.94 7.79 6.09
CA TYR A 84 27.72 7.32 7.46
C TYR A 84 28.07 5.85 7.61
N TYR A 85 27.66 5.05 6.63
CA TYR A 85 27.91 3.61 6.62
C TYR A 85 29.13 3.21 5.80
N ASN A 86 29.75 4.20 5.16
CA ASN A 86 30.96 3.98 4.35
C ASN A 86 30.76 3.01 3.19
N GLN A 87 29.69 3.24 2.43
CA GLN A 87 29.38 2.36 1.32
C GLN A 87 30.04 2.90 0.07
N SER A 88 30.34 2.01 -0.87
CA SER A 88 30.89 2.44 -2.15
C SER A 88 29.79 3.12 -2.95
N GLU A 89 30.17 3.81 -4.00
CA GLU A 89 29.18 4.47 -4.83
C GLU A 89 28.76 3.63 -6.01
N ALA A 90 29.01 2.31 -5.96
CA ALA A 90 28.59 1.40 -7.02
C ALA A 90 27.22 0.73 -6.76
N GLY A 91 26.74 0.83 -5.53
CA GLY A 91 25.48 0.20 -5.20
C GLY A 91 24.32 1.18 -5.20
N SER A 92 23.12 0.62 -5.37
CA SER A 92 21.87 1.35 -5.32
C SER A 92 21.25 1.21 -3.94
N HIS A 93 20.86 2.35 -3.37
CA HIS A 93 20.36 2.41 -2.00
C HIS A 93 19.05 3.19 -1.93
N THR A 94 18.25 2.93 -0.90
CA THR A 94 16.90 3.48 -0.81
C THR A 94 16.67 4.26 0.47
N VAL A 95 16.21 5.51 0.38
CA VAL A 95 15.56 6.15 1.53
C VAL A 95 14.04 6.23 1.35
N GLN A 96 13.31 5.89 2.41
CA GLN A 96 11.87 6.04 2.39
C GLN A 96 11.49 6.92 3.54
N ARG A 97 10.52 7.80 3.34
CA ARG A 97 9.95 8.59 4.43
C ARG A 97 8.43 8.46 4.41
N MET A 98 7.83 8.34 5.60
CA MET A 98 6.38 8.25 5.76
C MET A 98 5.92 9.15 6.89
N TYR A 99 5.02 10.08 6.60
CA TYR A 99 4.39 10.81 7.69
C TYR A 99 2.92 11.09 7.42
N GLY A 100 2.22 11.56 8.46
CA GLY A 100 0.81 11.85 8.36
C GLY A 100 0.13 11.86 9.71
N CYS A 101 -1.20 11.94 9.68
CA CYS A 101 -2.01 12.09 10.88
C CYS A 101 -3.29 11.22 10.85
N ASP A 102 -3.83 10.88 12.02
CA ASP A 102 -5.08 10.13 12.14
C ASP A 102 -6.09 10.95 12.94
N VAL A 103 -7.36 10.87 12.55
CA VAL A 103 -8.47 11.51 13.28
C VAL A 103 -9.49 10.42 13.57
N GLY A 104 -10.38 10.66 14.52
CA GLY A 104 -11.34 9.65 14.94
C GLY A 104 -12.61 9.77 14.15
N SER A 105 -13.74 9.33 14.71
CA SER A 105 -15.00 9.40 13.97
C SER A 105 -15.54 10.82 13.99
N ASP A 106 -15.12 11.59 14.99
CA ASP A 106 -15.48 13.00 15.12
C ASP A 106 -14.41 13.88 14.47
N TRP A 107 -13.59 13.27 13.63
CA TRP A 107 -12.52 13.98 12.94
C TRP A 107 -11.60 14.73 13.89
N ARG A 108 -11.40 14.19 15.09
CA ARG A 108 -10.55 14.85 16.07
C ARG A 108 -9.20 14.19 15.98
N PHE A 109 -8.15 15.00 16.03
CA PHE A 109 -6.80 14.50 16.04
C PHE A 109 -6.64 13.34 17.01
N LEU A 110 -6.16 12.22 16.49
CA LEU A 110 -5.88 11.06 17.30
C LEU A 110 -4.37 10.86 17.53
N ARG A 111 -3.59 10.99 16.47
CA ARG A 111 -2.14 10.81 16.58
C ARG A 111 -1.40 11.28 15.34
N GLY A 112 -0.11 11.56 15.51
CA GLY A 112 0.79 11.86 14.40
C GLY A 112 1.91 10.84 14.27
N TYR A 113 2.53 10.79 13.10
CA TYR A 113 3.70 9.94 12.86
C TYR A 113 4.60 10.49 11.78
N HIS A 114 5.88 10.14 11.90
CA HIS A 114 6.88 10.53 10.92
C HIS A 114 8.11 9.65 11.04
N GLN A 115 8.32 8.78 10.07
CA GLN A 115 9.44 7.88 10.21
C GLN A 115 10.24 7.88 8.94
N TYR A 116 11.48 7.42 9.06
CA TYR A 116 12.45 7.53 7.97
C TYR A 116 13.23 6.23 7.95
N ALA A 117 13.42 5.68 6.77
CA ALA A 117 14.09 4.39 6.67
C ALA A 117 15.22 4.46 5.68
N TYR A 118 16.27 3.67 5.92
CA TYR A 118 17.37 3.55 4.96
C TYR A 118 17.51 2.11 4.55
N ASP A 119 17.55 1.88 3.25
CA ASP A 119 17.65 0.54 2.70
C ASP A 119 16.65 -0.42 3.34
N GLY A 120 15.44 0.08 3.53
CA GLY A 120 14.29 -0.74 3.92
C GLY A 120 14.24 -1.06 5.39
N LYS A 121 15.05 -0.37 6.19
CA LYS A 121 14.99 -0.61 7.63
C LYS A 121 14.93 0.70 8.40
N ASP A 122 14.26 0.66 9.55
CA ASP A 122 14.08 1.83 10.37
C ASP A 122 15.40 2.58 10.47
N TYR A 123 15.35 3.89 10.27
CA TYR A 123 16.50 4.73 10.51
C TYR A 123 16.24 5.56 11.76
N ILE A 124 15.18 6.37 11.70
CA ILE A 124 14.80 7.28 12.77
C ILE A 124 13.32 7.62 12.65
N ALA A 125 12.67 7.77 13.79
CA ALA A 125 11.23 7.99 13.83
C ALA A 125 10.91 9.03 14.89
N LEU A 126 9.82 9.76 14.70
CA LEU A 126 9.34 10.68 15.72
C LEU A 126 8.58 9.85 16.73
N LYS A 127 8.80 10.11 18.00
CA LYS A 127 8.12 9.29 19.00
C LYS A 127 6.64 9.68 19.08
N GLU A 128 5.88 8.90 19.83
N GLU A 128 5.89 8.84 19.76
CA GLU A 128 4.43 9.06 19.89
CA GLU A 128 4.47 8.98 20.02
C GLU A 128 4.01 10.47 20.31
C GLU A 128 4.03 10.42 20.33
N ASP A 129 4.58 10.99 21.40
CA ASP A 129 4.23 12.35 21.84
C ASP A 129 4.75 13.47 20.92
N LEU A 130 5.54 13.10 19.92
CA LEU A 130 5.99 14.04 18.86
C LEU A 130 6.98 15.12 19.29
N ARG A 131 7.67 14.88 20.41
CA ARG A 131 8.63 15.87 20.92
C ARG A 131 10.06 15.32 20.90
N SER A 132 10.16 14.01 20.72
CA SER A 132 11.43 13.31 20.80
C SER A 132 11.60 12.31 19.66
N TRP A 133 12.85 11.96 19.37
CA TRP A 133 13.20 11.04 18.30
C TRP A 133 13.71 9.73 18.83
N THR A 134 13.40 8.65 18.13
CA THR A 134 14.08 7.38 18.39
C THR A 134 14.98 7.07 17.22
N ALA A 135 16.26 6.85 17.53
CA ALA A 135 17.31 6.59 16.55
C ALA A 135 17.62 5.11 16.48
N ALA A 136 17.66 4.55 15.27
CA ALA A 136 17.93 3.11 15.13
C ALA A 136 19.32 2.66 15.57
N ASP A 137 20.35 3.46 15.30
CA ASP A 137 21.74 2.99 15.50
C ASP A 137 22.60 4.22 15.70
N MET A 138 23.89 4.09 15.40
CA MET A 138 24.84 5.19 15.58
C MET A 138 24.62 6.31 14.57
N ALA A 139 24.56 5.96 13.29
CA ALA A 139 24.25 6.92 12.24
C ALA A 139 23.01 7.76 12.56
N ALA A 140 21.86 7.12 12.76
CA ALA A 140 20.66 7.86 13.14
C ALA A 140 20.92 8.78 14.34
N GLN A 141 21.72 8.30 15.28
CA GLN A 141 21.98 9.07 16.48
C GLN A 141 22.57 10.43 16.15
N THR A 142 23.48 10.48 15.17
CA THR A 142 24.02 11.75 14.65
C THR A 142 22.95 12.57 13.91
N THR A 143 21.98 11.90 13.28
CA THR A 143 20.86 12.60 12.62
C THR A 143 19.92 13.19 13.68
N LYS A 144 19.71 12.45 14.76
CA LYS A 144 18.97 12.93 15.94
C LYS A 144 19.47 14.27 16.43
N HIS A 145 20.78 14.42 16.58
CA HIS A 145 21.36 15.69 17.07
C HIS A 145 21.15 16.84 16.09
N LYS A 146 21.33 16.56 14.80
CA LYS A 146 21.09 17.56 13.76
C LYS A 146 19.69 18.13 13.91
N TRP A 147 18.72 17.21 14.01
CA TRP A 147 17.30 17.51 13.93
C TRP A 147 16.78 18.11 15.21
N GLU A 148 17.41 17.74 16.32
CA GLU A 148 17.11 18.37 17.59
C GLU A 148 17.54 19.82 17.53
N ALA A 149 18.70 20.06 16.93
CA ALA A 149 19.28 21.39 16.85
C ALA A 149 18.47 22.30 15.94
N ALA A 150 17.80 21.71 14.95
CA ALA A 150 16.98 22.42 13.99
C ALA A 150 15.51 22.37 14.38
N HIS A 151 15.21 21.81 15.54
CA HIS A 151 13.82 21.79 15.98
C HIS A 151 12.87 21.22 14.91
N VAL A 152 13.29 20.15 14.26
CA VAL A 152 12.49 19.47 13.26
C VAL A 152 11.24 18.88 13.89
N ALA A 153 11.37 18.41 15.13
CA ALA A 153 10.24 17.79 15.83
C ALA A 153 9.19 18.83 16.14
N GLU A 154 9.62 19.99 16.60
CA GLU A 154 8.69 21.08 16.84
C GLU A 154 7.96 21.46 15.54
N GLN A 155 8.66 21.56 14.42
CA GLN A 155 8.00 21.86 13.14
C GLN A 155 6.98 20.79 12.74
N LEU A 156 7.31 19.53 12.97
CA LEU A 156 6.47 18.44 12.55
C LEU A 156 5.21 18.38 13.40
N ARG A 157 5.42 18.40 14.72
CA ARG A 157 4.30 18.49 15.65
C ARG A 157 3.29 19.59 15.29
N ALA A 158 3.75 20.82 15.06
CA ALA A 158 2.82 21.88 14.63
C ALA A 158 2.13 21.52 13.31
N TYR A 159 2.88 20.96 12.38
CA TYR A 159 2.29 20.44 11.14
C TYR A 159 1.27 19.34 11.37
N LEU A 160 1.63 18.33 12.15
CA LEU A 160 0.80 17.13 12.29
C LEU A 160 -0.47 17.38 13.13
N GLU A 161 -0.39 18.33 14.06
CA GLU A 161 -1.48 18.59 15.00
C GLU A 161 -2.45 19.65 14.51
N GLY A 162 -2.04 20.40 13.49
CA GLY A 162 -2.87 21.46 12.96
C GLY A 162 -3.07 21.32 11.48
N THR A 163 -2.10 21.80 10.72
CA THR A 163 -2.12 21.78 9.25
C THR A 163 -2.59 20.44 8.68
N CYS A 164 -1.95 19.36 9.10
CA CYS A 164 -2.24 18.02 8.59
C CYS A 164 -3.71 17.65 8.81
N VAL A 165 -4.15 17.79 10.06
CA VAL A 165 -5.53 17.51 10.43
C VAL A 165 -6.53 18.43 9.70
N GLU A 166 -6.20 19.71 9.60
CA GLU A 166 -7.10 20.69 9.00
C GLU A 166 -7.34 20.43 7.53
N TRP A 167 -6.30 20.11 6.77
CA TRP A 167 -6.49 19.82 5.36
C TRP A 167 -7.12 18.46 5.16
N LEU A 168 -6.85 17.52 6.06
CA LEU A 168 -7.52 16.22 5.97
C LEU A 168 -9.04 16.44 6.01
N ARG A 169 -9.51 17.21 6.99
CA ARG A 169 -10.96 17.52 7.08
C ARG A 169 -11.47 18.19 5.79
N ARG A 170 -10.66 19.07 5.21
CA ARG A 170 -11.08 19.75 3.99
C ARG A 170 -11.23 18.72 2.90
N TYR A 171 -10.19 17.90 2.73
CA TYR A 171 -10.29 16.78 1.79
C TYR A 171 -11.50 15.89 2.08
N LEU A 172 -11.66 15.43 3.31
CA LEU A 172 -12.82 14.59 3.67
C LEU A 172 -14.15 15.19 3.25
N GLU A 173 -14.32 16.49 3.49
CA GLU A 173 -15.50 17.26 3.05
C GLU A 173 -15.64 17.41 1.52
N ASN A 174 -14.62 17.99 0.88
CA ASN A 174 -14.64 18.17 -0.59
C ASN A 174 -14.92 16.91 -1.37
N GLY A 175 -14.50 15.76 -0.84
CA GLY A 175 -14.65 14.49 -1.55
C GLY A 175 -15.53 13.53 -0.79
N LYS A 176 -16.62 14.06 -0.26
CA LYS A 176 -17.41 13.27 0.68
C LYS A 176 -18.20 12.15 0.00
N GLU A 177 -18.57 12.34 -1.26
CA GLU A 177 -19.25 11.30 -2.00
C GLU A 177 -18.46 10.01 -1.89
N THR A 178 -17.14 10.12 -2.08
CA THR A 178 -16.29 8.95 -2.23
C THR A 178 -15.55 8.55 -0.94
N LEU A 179 -14.87 9.51 -0.33
CA LEU A 179 -14.10 9.26 0.90
C LEU A 179 -14.96 8.86 2.08
N GLN A 180 -16.23 9.23 2.04
CA GLN A 180 -17.10 9.02 3.18
C GLN A 180 -18.14 7.91 2.95
N ARG A 181 -17.96 7.16 1.85
CA ARG A 181 -18.81 6.02 1.50
CA ARG A 181 -18.86 6.06 1.57
C ARG A 181 -18.48 4.80 2.35
N THR A 182 -19.45 3.92 2.49
CA THR A 182 -19.18 2.56 2.90
C THR A 182 -19.84 1.69 1.85
N ASP A 183 -19.05 0.79 1.26
CA ASP A 183 -19.59 -0.25 0.42
C ASP A 183 -19.34 -1.54 1.18
N ALA A 184 -20.43 -2.27 1.40
CA ALA A 184 -20.36 -3.55 2.07
C ALA A 184 -19.77 -4.57 1.12
N PRO A 185 -18.98 -5.50 1.67
CA PRO A 185 -18.52 -6.62 0.89
C PRO A 185 -19.71 -7.36 0.31
N LYS A 186 -19.72 -7.61 -0.99
CA LYS A 186 -20.61 -8.61 -1.53
C LYS A 186 -19.93 -9.95 -1.27
N THR A 187 -20.52 -10.77 -0.41
CA THR A 187 -19.85 -11.98 0.08
C THR A 187 -20.33 -13.27 -0.59
N HIS A 188 -19.73 -14.39 -0.20
CA HIS A 188 -20.08 -15.69 -0.78
C HIS A 188 -19.06 -16.76 -0.40
N MET A 189 -19.37 -18.01 -0.74
CA MET A 189 -18.53 -19.14 -0.37
C MET A 189 -18.26 -20.04 -1.58
N THR A 190 -17.09 -20.67 -1.60
CA THR A 190 -16.79 -21.71 -2.59
C THR A 190 -16.20 -22.94 -1.92
N HIS A 191 -16.64 -24.12 -2.34
CA HIS A 191 -16.23 -25.38 -1.74
C HIS A 191 -15.33 -26.18 -2.69
N HIS A 192 -14.40 -26.93 -2.11
CA HIS A 192 -13.45 -27.75 -2.88
C HIS A 192 -12.81 -28.84 -2.03
N ALA A 193 -12.94 -30.09 -2.47
CA ALA A 193 -12.29 -31.20 -1.79
C ALA A 193 -11.09 -31.65 -2.63
N VAL A 194 -9.90 -31.61 -2.05
CA VAL A 194 -8.69 -32.04 -2.76
C VAL A 194 -8.86 -33.47 -3.32
N SER A 195 -8.89 -34.44 -2.41
CA SER A 195 -9.12 -35.83 -2.76
C SER A 195 -10.61 -36.17 -2.69
N ASP A 196 -11.06 -36.57 -1.50
CA ASP A 196 -12.47 -36.77 -1.23
C ASP A 196 -12.73 -37.16 0.23
N HIS A 197 -11.90 -36.64 1.14
CA HIS A 197 -12.07 -36.90 2.56
C HIS A 197 -11.68 -35.69 3.43
N GLU A 198 -11.05 -34.70 2.80
CA GLU A 198 -10.94 -33.37 3.41
C GLU A 198 -11.38 -32.33 2.39
N ALA A 199 -11.90 -31.20 2.87
CA ALA A 199 -12.41 -30.15 1.97
C ALA A 199 -11.86 -28.77 2.30
N THR A 200 -11.77 -27.91 1.29
CA THR A 200 -11.35 -26.53 1.50
C THR A 200 -12.50 -25.54 1.30
N LEU A 201 -12.85 -24.82 2.35
CA LEU A 201 -13.87 -23.79 2.22
C LEU A 201 -13.25 -22.41 2.14
N ARG A 202 -13.47 -21.72 1.01
CA ARG A 202 -13.01 -20.35 0.90
C ARG A 202 -14.16 -19.36 1.01
N CYS A 203 -13.99 -18.37 1.89
CA CYS A 203 -15.00 -17.35 2.17
C CYS A 203 -14.53 -16.02 1.60
N TRP A 204 -15.30 -15.47 0.67
CA TRP A 204 -14.89 -14.28 -0.05
C TRP A 204 -15.56 -13.00 0.40
N ALA A 205 -14.77 -11.93 0.50
CA ALA A 205 -15.33 -10.60 0.64
C ALA A 205 -14.89 -9.74 -0.57
N LEU A 206 -15.86 -9.17 -1.28
CA LEU A 206 -15.53 -8.40 -2.48
C LEU A 206 -16.10 -6.98 -2.47
N SER A 207 -15.67 -6.20 -3.45
CA SER A 207 -16.12 -4.84 -3.70
C SER A 207 -16.46 -4.02 -2.44
N PHE A 208 -15.63 -4.12 -1.41
CA PHE A 208 -15.88 -3.29 -0.23
C PHE A 208 -15.02 -2.02 -0.12
N TYR A 209 -15.52 -1.06 0.65
CA TYR A 209 -14.80 0.18 0.96
C TYR A 209 -15.43 0.77 2.20
N PRO A 210 -14.63 1.16 3.20
CA PRO A 210 -13.15 1.16 3.28
C PRO A 210 -12.48 -0.22 3.43
N ALA A 211 -11.16 -0.25 3.38
CA ALA A 211 -10.41 -1.50 3.27
C ALA A 211 -10.26 -2.31 4.57
N GLU A 212 -10.54 -1.72 5.72
CA GLU A 212 -10.44 -2.52 6.94
C GLU A 212 -11.54 -3.57 6.96
N ILE A 213 -11.27 -4.71 7.59
CA ILE A 213 -12.23 -5.82 7.60
C ILE A 213 -11.84 -6.95 8.55
N THR A 214 -12.85 -7.77 8.93
CA THR A 214 -12.64 -9.01 9.67
C THR A 214 -13.28 -10.19 8.93
N LEU A 215 -12.46 -11.15 8.53
CA LEU A 215 -12.96 -12.36 7.85
C LEU A 215 -12.41 -13.59 8.56
N THR A 216 -13.25 -14.29 9.32
CA THR A 216 -12.75 -15.41 10.13
C THR A 216 -13.64 -16.65 10.09
N TRP A 217 -13.01 -17.81 10.26
CA TRP A 217 -13.73 -19.07 10.43
C TRP A 217 -13.74 -19.44 11.91
N GLN A 218 -14.86 -19.99 12.37
CA GLN A 218 -14.97 -20.48 13.74
C GLN A 218 -15.36 -21.95 13.74
N ARG A 219 -14.88 -22.69 14.73
CA ARG A 219 -15.28 -24.08 14.87
C ARG A 219 -16.24 -24.20 16.04
N ASP A 220 -17.40 -24.79 15.78
CA ASP A 220 -18.44 -24.97 16.81
C ASP A 220 -18.81 -23.65 17.46
N GLY A 221 -18.46 -22.54 16.80
CA GLY A 221 -18.67 -21.21 17.36
C GLY A 221 -17.53 -20.79 18.26
N GLU A 222 -16.53 -21.67 18.37
CA GLU A 222 -15.33 -21.40 19.14
C GLU A 222 -14.27 -20.96 18.15
N ASP A 223 -13.48 -19.96 18.50
CA ASP A 223 -12.56 -19.34 17.56
C ASP A 223 -11.39 -20.23 17.19
N GLN A 224 -11.39 -20.73 15.95
CA GLN A 224 -10.34 -21.58 15.44
C GLN A 224 -9.53 -20.86 14.35
N THR A 225 -8.45 -20.19 14.75
CA THR A 225 -7.62 -19.45 13.81
C THR A 225 -6.16 -19.95 13.80
N GLN A 226 -5.98 -21.18 13.34
CA GLN A 226 -4.65 -21.76 13.22
C GLN A 226 -4.60 -22.71 12.04
N ASP A 227 -5.76 -23.32 11.76
CA ASP A 227 -5.89 -24.27 10.67
C ASP A 227 -6.41 -23.53 9.45
N THR A 228 -6.37 -22.20 9.56
CA THR A 228 -6.95 -21.30 8.56
C THR A 228 -5.90 -20.75 7.60
N GLU A 229 -6.36 -20.22 6.46
CA GLU A 229 -5.46 -19.71 5.42
C GLU A 229 -6.00 -18.42 4.77
N LEU A 230 -5.40 -17.29 5.13
CA LEU A 230 -5.89 -15.97 4.76
C LEU A 230 -4.96 -15.29 3.74
N VAL A 231 -5.49 -14.36 2.96
CA VAL A 231 -4.64 -13.50 2.15
C VAL A 231 -4.74 -12.05 2.60
N GLU A 232 -3.74 -11.26 2.22
CA GLU A 232 -3.73 -9.84 2.52
C GLU A 232 -4.82 -9.16 1.69
N THR A 233 -5.45 -8.14 2.26
CA THR A 233 -6.40 -7.34 1.52
C THR A 233 -5.72 -6.71 0.29
N ARG A 234 -6.22 -7.07 -0.89
CA ARG A 234 -5.76 -6.52 -2.15
C ARG A 234 -6.76 -5.51 -2.73
N PRO A 235 -6.27 -4.56 -3.56
CA PRO A 235 -7.11 -3.65 -4.34
C PRO A 235 -7.72 -4.32 -5.57
N ALA A 236 -9.01 -4.08 -5.78
CA ALA A 236 -9.71 -4.64 -6.91
C ALA A 236 -9.33 -3.87 -8.16
N GLY A 237 -8.64 -2.77 -7.97
CA GLY A 237 -8.15 -1.98 -9.09
C GLY A 237 -9.13 -0.91 -9.52
N ASP A 238 -10.19 -0.71 -8.73
CA ASP A 238 -11.20 0.29 -9.09
C ASP A 238 -11.60 1.13 -7.90
N GLY A 239 -10.85 1.00 -6.81
CA GLY A 239 -11.12 1.78 -5.62
C GLY A 239 -11.82 1.02 -4.51
N THR A 240 -12.16 -0.25 -4.76
CA THR A 240 -12.68 -1.14 -3.72
C THR A 240 -11.68 -2.25 -3.48
N PHE A 241 -11.97 -3.10 -2.49
CA PHE A 241 -11.00 -4.11 -2.04
C PHE A 241 -11.54 -5.54 -1.97
N GLN A 242 -10.63 -6.49 -1.90
CA GLN A 242 -10.97 -7.92 -1.88
C GLN A 242 -10.13 -8.67 -0.86
N LYS A 243 -10.74 -9.69 -0.26
CA LYS A 243 -10.06 -10.53 0.73
C LYS A 243 -10.80 -11.87 0.81
N TRP A 244 -10.06 -12.95 1.02
CA TRP A 244 -10.69 -14.23 1.33
C TRP A 244 -9.93 -15.02 2.38
N VAL A 245 -10.66 -15.81 3.15
CA VAL A 245 -10.08 -16.67 4.15
C VAL A 245 -10.49 -18.11 3.84
N ALA A 246 -9.62 -19.06 4.12
CA ALA A 246 -9.95 -20.45 3.83
C ALA A 246 -9.52 -21.42 4.94
N VAL A 247 -10.22 -22.54 4.99
CA VAL A 247 -10.02 -23.55 6.02
C VAL A 247 -10.08 -24.93 5.39
N VAL A 248 -9.37 -25.88 5.99
CA VAL A 248 -9.47 -27.29 5.60
C VAL A 248 -10.42 -27.97 6.56
N VAL A 249 -11.32 -28.78 6.02
CA VAL A 249 -12.40 -29.39 6.80
C VAL A 249 -12.71 -30.83 6.34
N PRO A 250 -12.59 -31.80 7.26
CA PRO A 250 -12.80 -33.22 6.95
C PRO A 250 -14.23 -33.53 6.48
N SER A 251 -14.40 -33.68 5.16
CA SER A 251 -15.72 -33.88 4.54
C SER A 251 -16.76 -34.57 5.42
N GLY A 252 -17.84 -33.84 5.72
CA GLY A 252 -18.93 -34.36 6.56
C GLY A 252 -19.09 -33.62 7.89
N GLN A 253 -18.30 -32.57 8.09
CA GLN A 253 -18.26 -31.91 9.39
C GLN A 253 -18.41 -30.38 9.31
N GLU A 254 -18.64 -29.88 8.10
CA GLU A 254 -18.63 -28.43 7.83
C GLU A 254 -19.61 -27.60 8.64
N GLN A 255 -20.70 -28.22 9.09
CA GLN A 255 -21.79 -27.48 9.74
C GLN A 255 -21.38 -26.79 11.04
N ARG A 256 -20.31 -27.26 11.68
CA ARG A 256 -19.77 -26.58 12.87
C ARG A 256 -18.63 -25.60 12.57
N TYR A 257 -18.33 -25.42 11.28
CA TYR A 257 -17.44 -24.35 10.83
C TYR A 257 -18.26 -23.30 10.07
N THR A 258 -18.26 -22.06 10.56
CA THR A 258 -18.92 -20.98 9.82
C THR A 258 -18.00 -19.77 9.59
N CYS A 259 -18.35 -18.98 8.59
CA CYS A 259 -17.61 -17.75 8.27
C CYS A 259 -18.15 -16.57 9.04
N HIS A 260 -17.24 -15.77 9.58
CA HIS A 260 -17.62 -14.60 10.37
C HIS A 260 -17.09 -13.33 9.72
N VAL A 261 -18.00 -12.43 9.39
CA VAL A 261 -17.64 -11.22 8.66
C VAL A 261 -18.07 -9.96 9.40
N GLN A 262 -17.13 -9.07 9.66
CA GLN A 262 -17.46 -7.74 10.18
C GLN A 262 -16.96 -6.67 9.22
N HIS A 263 -17.71 -5.57 9.11
CA HIS A 263 -17.31 -4.45 8.27
C HIS A 263 -18.22 -3.25 8.46
N GLU A 264 -17.62 -2.06 8.42
CA GLU A 264 -18.34 -0.81 8.58
C GLU A 264 -19.62 -0.72 7.76
N GLY A 265 -19.61 -1.34 6.58
CA GLY A 265 -20.67 -1.17 5.59
C GLY A 265 -21.86 -2.08 5.80
N LEU A 266 -21.74 -3.03 6.72
CA LEU A 266 -22.82 -3.95 7.02
C LEU A 266 -23.63 -3.49 8.23
N PRO A 267 -24.97 -3.48 8.11
CA PRO A 267 -25.80 -3.10 9.24
C PRO A 267 -25.56 -4.09 10.39
N LYS A 268 -25.38 -5.37 10.05
CA LYS A 268 -25.01 -6.40 11.02
C LYS A 268 -24.01 -7.39 10.41
N PRO A 269 -23.15 -7.99 11.26
CA PRO A 269 -22.14 -8.94 10.81
C PRO A 269 -22.76 -10.14 10.10
N LEU A 270 -22.11 -10.61 9.03
CA LEU A 270 -22.64 -11.72 8.25
C LEU A 270 -22.09 -13.07 8.70
N THR A 271 -22.90 -14.12 8.51
CA THR A 271 -22.48 -15.49 8.77
C THR A 271 -22.60 -16.28 7.47
N LEU A 272 -21.74 -17.27 7.25
CA LEU A 272 -21.85 -18.11 6.06
C LEU A 272 -21.76 -19.64 6.25
N ARG A 273 -22.33 -20.37 5.30
CA ARG A 273 -22.52 -21.81 5.35
C ARG A 273 -22.60 -22.36 3.95
N TRP A 274 -22.37 -23.66 3.79
CA TRP A 274 -22.44 -24.29 2.47
C TRP A 274 -23.58 -25.32 2.37
N MET B 1 22.36 -5.61 3.62
CA MET B 1 21.13 -5.23 2.85
C MET B 1 20.01 -6.21 3.15
N ILE B 2 18.96 -5.73 3.82
CA ILE B 2 17.77 -6.54 3.97
C ILE B 2 16.97 -6.47 2.68
N GLN B 3 16.73 -7.63 2.09
CA GLN B 3 15.94 -7.75 0.87
C GLN B 3 14.79 -8.71 1.15
N ARG B 4 13.62 -8.41 0.59
CA ARG B 4 12.42 -9.18 0.87
C ARG B 4 11.76 -9.72 -0.38
N THR B 5 11.29 -10.96 -0.33
CA THR B 5 10.71 -11.61 -1.49
C THR B 5 9.31 -11.07 -1.74
N PRO B 6 8.98 -10.78 -3.01
CA PRO B 6 7.63 -10.37 -3.33
C PRO B 6 6.65 -11.51 -3.17
N LYS B 7 5.50 -11.21 -2.58
CA LYS B 7 4.35 -12.11 -2.61
C LYS B 7 3.52 -11.66 -3.79
N ILE B 8 2.92 -12.60 -4.50
CA ILE B 8 2.26 -12.32 -5.76
C ILE B 8 0.83 -12.84 -5.74
N GLN B 9 -0.11 -12.02 -6.18
CA GLN B 9 -1.51 -12.43 -6.32
C GLN B 9 -2.02 -12.06 -7.70
N VAL B 10 -2.53 -13.06 -8.43
CA VAL B 10 -3.21 -12.83 -9.70
C VAL B 10 -4.70 -13.10 -9.51
N TYR B 11 -5.54 -12.13 -9.90
CA TYR B 11 -6.97 -12.19 -9.69
C TYR B 11 -7.61 -11.26 -10.72
N SER B 12 -8.94 -11.34 -10.87
CA SER B 12 -9.64 -10.40 -11.76
C SER B 12 -10.42 -9.37 -10.94
N ARG B 13 -10.54 -8.15 -11.44
CA ARG B 13 -11.21 -7.06 -10.72
C ARG B 13 -12.62 -7.43 -10.22
N HIS B 14 -13.44 -8.03 -11.09
CA HIS B 14 -14.76 -8.53 -10.70
C HIS B 14 -14.79 -10.06 -10.77
N PRO B 15 -15.89 -10.68 -10.29
CA PRO B 15 -16.10 -12.12 -10.53
C PRO B 15 -16.22 -12.36 -12.03
N ALA B 16 -15.45 -13.31 -12.55
CA ALA B 16 -15.28 -13.45 -13.98
C ALA B 16 -16.37 -14.27 -14.66
N GLU B 17 -16.85 -13.79 -15.79
CA GLU B 17 -17.79 -14.57 -16.58
C GLU B 17 -17.39 -14.63 -18.04
N ASN B 18 -16.95 -15.80 -18.45
CA ASN B 18 -16.68 -16.07 -19.85
C ASN B 18 -17.42 -15.09 -20.77
N GLY B 19 -16.67 -14.40 -21.63
CA GLY B 19 -17.27 -13.55 -22.66
C GLY B 19 -17.32 -12.05 -22.43
N LYS B 20 -17.41 -11.62 -21.18
CA LYS B 20 -17.52 -10.20 -20.86
C LYS B 20 -16.22 -9.53 -20.41
N SER B 21 -15.95 -8.35 -20.96
CA SER B 21 -14.75 -7.62 -20.62
C SER B 21 -14.58 -7.52 -19.11
N ASN B 22 -13.33 -7.36 -18.70
CA ASN B 22 -12.97 -7.47 -17.30
C ASN B 22 -11.59 -6.90 -17.13
N PHE B 23 -11.04 -7.05 -15.93
CA PHE B 23 -9.68 -6.61 -15.63
C PHE B 23 -8.96 -7.67 -14.82
N LEU B 24 -7.72 -7.94 -15.21
CA LEU B 24 -6.88 -8.91 -14.57
C LEU B 24 -5.81 -8.19 -13.77
N ASN B 25 -5.64 -8.60 -12.52
CA ASN B 25 -4.69 -7.91 -11.65
C ASN B 25 -3.58 -8.82 -11.25
N CYS B 26 -2.36 -8.27 -11.28
CA CYS B 26 -1.24 -8.90 -10.60
C CYS B 26 -0.78 -7.95 -9.53
N TYR B 27 -0.96 -8.34 -8.27
CA TYR B 27 -0.62 -7.50 -7.16
C TYR B 27 0.59 -8.06 -6.44
N VAL B 28 1.70 -7.34 -6.53
CA VAL B 28 2.92 -7.79 -5.90
C VAL B 28 3.22 -6.91 -4.69
N SER B 29 3.56 -7.55 -3.57
CA SER B 29 3.82 -6.81 -2.34
C SER B 29 4.84 -7.49 -1.43
N GLY B 30 5.18 -6.83 -0.33
CA GLY B 30 6.14 -7.37 0.62
C GLY B 30 7.57 -7.43 0.11
N PHE B 31 7.89 -6.70 -0.96
CA PHE B 31 9.23 -6.80 -1.52
C PHE B 31 10.19 -5.67 -1.18
N HIS B 32 11.49 -5.96 -1.23
CA HIS B 32 12.53 -4.94 -1.13
C HIS B 32 13.80 -5.49 -1.79
N PRO B 33 14.54 -4.66 -2.55
CA PRO B 33 14.38 -3.28 -3.02
C PRO B 33 13.30 -3.12 -4.08
N SER B 34 13.11 -1.91 -4.57
CA SER B 34 11.91 -1.55 -5.35
C SER B 34 11.88 -1.98 -6.81
N ASP B 35 13.04 -2.18 -7.40
CA ASP B 35 13.10 -2.59 -8.80
C ASP B 35 12.45 -3.97 -8.94
N ILE B 36 11.52 -4.08 -9.87
CA ILE B 36 10.80 -5.33 -10.03
C ILE B 36 10.28 -5.39 -11.44
N GLU B 37 10.27 -6.58 -12.05
CA GLU B 37 9.72 -6.73 -13.40
C GLU B 37 8.45 -7.56 -13.39
N VAL B 38 7.36 -6.99 -13.89
CA VAL B 38 6.09 -7.70 -13.89
C VAL B 38 5.49 -7.80 -15.31
N ASP B 39 5.32 -9.02 -15.79
CA ASP B 39 4.67 -9.25 -17.06
C ASP B 39 3.40 -10.05 -16.87
N LEU B 40 2.31 -9.56 -17.45
CA LEU B 40 1.08 -10.35 -17.48
C LEU B 40 1.04 -11.20 -18.75
N LEU B 41 0.74 -12.48 -18.57
CA LEU B 41 0.87 -13.48 -19.63
C LEU B 41 -0.47 -14.02 -20.12
N LYS B 42 -0.66 -13.97 -21.44
CA LYS B 42 -1.80 -14.60 -22.09
C LYS B 42 -1.30 -15.81 -22.85
N ASN B 43 -1.67 -17.00 -22.38
CA ASN B 43 -1.23 -18.25 -23.00
C ASN B 43 0.28 -18.30 -23.15
N GLY B 44 0.99 -17.90 -22.11
CA GLY B 44 2.45 -18.01 -22.09
C GLY B 44 3.11 -16.85 -22.81
N GLU B 45 2.32 -16.00 -23.44
CA GLU B 45 2.83 -14.83 -24.12
C GLU B 45 2.58 -13.59 -23.27
N ARG B 46 3.33 -12.52 -23.54
CA ARG B 46 3.29 -11.29 -22.76
C ARG B 46 2.42 -10.19 -23.39
N ILE B 47 1.41 -9.73 -22.63
CA ILE B 47 0.55 -8.65 -23.09
C ILE B 47 1.28 -7.31 -23.11
N GLU B 48 1.17 -6.60 -24.23
CA GLU B 48 1.87 -5.33 -24.46
C GLU B 48 1.30 -4.16 -23.67
N LYS B 49 -0.01 -4.17 -23.46
CA LYS B 49 -0.66 -3.02 -22.86
C LYS B 49 -1.05 -3.30 -21.40
N VAL B 50 -0.26 -2.74 -20.49
CA VAL B 50 -0.34 -3.04 -19.07
C VAL B 50 0.14 -1.87 -18.24
N GLU B 51 -0.75 -1.32 -17.43
CA GLU B 51 -0.40 -0.16 -16.60
C GLU B 51 -0.16 -0.60 -15.15
N HIS B 52 0.46 0.26 -14.37
CA HIS B 52 0.67 -0.06 -12.96
C HIS B 52 0.36 1.12 -12.04
N SER B 53 0.21 0.82 -10.75
CA SER B 53 -0.06 1.83 -9.74
C SER B 53 1.21 2.61 -9.42
N ASP B 54 1.08 3.66 -8.62
CA ASP B 54 2.29 4.40 -8.26
C ASP B 54 2.97 3.72 -7.09
N LEU B 55 4.24 3.42 -7.27
CA LEU B 55 4.98 2.72 -6.26
C LEU B 55 4.66 3.29 -4.88
N SER B 56 4.32 2.41 -3.94
CA SER B 56 4.06 2.84 -2.59
C SER B 56 4.55 1.73 -1.65
N PHE B 57 4.32 1.87 -0.35
CA PHE B 57 4.90 0.92 0.58
C PHE B 57 4.13 0.82 1.87
N SER B 58 4.24 -0.34 2.51
CA SER B 58 3.53 -0.68 3.74
C SER B 58 4.21 -0.13 4.99
N LYS B 59 3.54 -0.33 6.13
CA LYS B 59 4.10 0.02 7.45
C LYS B 59 5.51 -0.54 7.66
N ASP B 60 5.73 -1.76 7.19
CA ASP B 60 7.05 -2.41 7.34
C ASP B 60 8.08 -2.04 6.26
N TRP B 61 7.76 -1.07 5.41
CA TRP B 61 8.67 -0.50 4.41
C TRP B 61 8.73 -1.31 3.11
N SER B 62 8.20 -2.52 3.12
CA SER B 62 8.20 -3.32 1.91
C SER B 62 7.22 -2.70 0.92
N PHE B 63 7.53 -2.76 -0.37
CA PHE B 63 6.76 -2.04 -1.40
C PHE B 63 5.68 -2.94 -1.92
N TYR B 64 4.78 -2.34 -2.69
CA TYR B 64 3.66 -3.04 -3.27
C TYR B 64 3.18 -2.31 -4.52
N LEU B 65 2.92 -3.06 -5.59
CA LEU B 65 2.45 -2.44 -6.85
C LEU B 65 1.29 -3.24 -7.38
N LEU B 66 0.45 -2.60 -8.18
CA LEU B 66 -0.61 -3.30 -8.86
C LEU B 66 -0.48 -3.16 -10.36
N TYR B 67 -0.35 -4.28 -11.05
CA TYR B 67 -0.31 -4.32 -12.49
C TYR B 67 -1.63 -4.91 -12.93
N TYR B 68 -2.29 -4.23 -13.88
CA TYR B 68 -3.64 -4.58 -14.29
C TYR B 68 -3.82 -4.30 -15.78
N THR B 69 -4.77 -5.00 -16.39
CA THR B 69 -5.06 -4.88 -17.82
C THR B 69 -6.42 -5.51 -18.08
N GLU B 70 -7.23 -4.86 -18.90
CA GLU B 70 -8.49 -5.48 -19.28
C GLU B 70 -8.21 -6.68 -20.17
N PHE B 71 -9.10 -7.66 -20.05
CA PHE B 71 -8.99 -8.87 -20.82
C PHE B 71 -10.39 -9.42 -20.86
N THR B 72 -10.64 -10.31 -21.80
CA THR B 72 -11.89 -11.03 -21.82
C THR B 72 -11.59 -12.49 -21.57
N PRO B 73 -12.14 -13.01 -20.46
CA PRO B 73 -11.88 -14.39 -20.09
C PRO B 73 -12.73 -15.38 -20.85
N THR B 74 -12.15 -16.02 -21.85
CA THR B 74 -12.78 -17.18 -22.46
C THR B 74 -12.66 -18.33 -21.46
N GLU B 75 -12.91 -19.55 -21.92
CA GLU B 75 -12.91 -20.71 -21.02
C GLU B 75 -11.67 -21.55 -21.25
N LYS B 76 -10.96 -21.24 -22.32
CA LYS B 76 -9.79 -22.01 -22.71
C LYS B 76 -8.48 -21.26 -22.47
N ASP B 77 -8.55 -19.92 -22.48
CA ASP B 77 -7.34 -19.10 -22.42
C ASP B 77 -6.68 -19.13 -21.05
N GLU B 78 -5.36 -19.25 -21.06
CA GLU B 78 -4.57 -19.32 -19.84
C GLU B 78 -3.99 -17.95 -19.51
N TYR B 79 -4.12 -17.56 -18.25
CA TYR B 79 -3.59 -16.28 -17.81
C TYR B 79 -2.70 -16.44 -16.59
N ALA B 80 -1.55 -15.79 -16.60
CA ALA B 80 -0.61 -15.83 -15.48
C ALA B 80 0.16 -14.54 -15.29
N CYS B 81 0.77 -14.40 -14.12
CA CYS B 81 1.66 -13.28 -13.83
C CYS B 81 3.08 -13.80 -13.67
N ARG B 82 4.03 -13.17 -14.36
CA ARG B 82 5.45 -13.48 -14.21
C ARG B 82 6.23 -12.33 -13.57
N VAL B 83 6.90 -12.63 -12.47
CA VAL B 83 7.61 -11.65 -11.69
C VAL B 83 9.03 -12.08 -11.50
N ASN B 84 9.97 -11.20 -11.87
CA ASN B 84 11.35 -11.40 -11.43
C ASN B 84 11.77 -10.25 -10.53
N HIS B 85 12.72 -10.55 -9.66
CA HIS B 85 13.16 -9.65 -8.64
C HIS B 85 14.47 -10.20 -8.12
N VAL B 86 15.26 -9.35 -7.49
CA VAL B 86 16.60 -9.71 -7.03
C VAL B 86 16.60 -10.85 -5.98
N THR B 87 15.47 -11.07 -5.31
CA THR B 87 15.40 -12.15 -4.32
C THR B 87 14.93 -13.45 -4.93
N LEU B 88 14.39 -13.37 -6.14
CA LEU B 88 14.03 -14.54 -6.90
C LEU B 88 15.20 -14.87 -7.78
N SER B 89 15.72 -16.09 -7.65
CA SER B 89 16.84 -16.53 -8.45
C SER B 89 16.32 -16.96 -9.83
N GLN B 90 15.02 -17.21 -9.89
CA GLN B 90 14.32 -17.77 -11.05
C GLN B 90 12.99 -17.03 -11.12
N PRO B 91 12.58 -16.62 -12.34
CA PRO B 91 11.31 -15.93 -12.47
C PRO B 91 10.18 -16.72 -11.81
N LYS B 92 9.25 -16.02 -11.18
CA LYS B 92 8.12 -16.74 -10.61
C LYS B 92 6.91 -16.47 -11.45
N ILE B 93 6.19 -17.54 -11.80
CA ILE B 93 4.95 -17.41 -12.53
C ILE B 93 3.82 -17.96 -11.67
N VAL B 94 2.79 -17.14 -11.49
CA VAL B 94 1.60 -17.53 -10.73
C VAL B 94 0.48 -17.55 -11.74
N LYS B 95 -0.37 -18.57 -11.67
CA LYS B 95 -1.41 -18.76 -12.66
C LYS B 95 -2.71 -18.18 -12.15
N TRP B 96 -3.49 -17.58 -13.04
CA TRP B 96 -4.80 -17.10 -12.63
C TRP B 96 -5.78 -18.26 -12.52
N ASP B 97 -6.00 -18.71 -11.29
CA ASP B 97 -6.98 -19.73 -10.96
C ASP B 97 -8.29 -19.03 -10.62
N ARG B 98 -9.13 -18.88 -11.63
CA ARG B 98 -10.39 -18.14 -11.52
C ARG B 98 -11.27 -18.64 -10.39
N ASP B 99 -11.45 -19.95 -10.34
CA ASP B 99 -12.34 -20.58 -9.36
C ASP B 99 -11.64 -20.88 -8.03
N MET B 100 -10.75 -19.97 -7.62
CA MET B 100 -10.09 -20.07 -6.32
C MET B 100 -11.16 -20.06 -5.21
N LEU C 1 -1.97 18.17 2.25
CA LEU C 1 -0.95 19.24 2.16
C LEU C 1 0.37 18.73 2.71
N LEU C 2 1.43 18.85 1.93
CA LEU C 2 2.74 18.35 2.35
C LEU C 2 3.30 19.18 3.49
N PHE C 3 4.21 18.60 4.24
CA PHE C 3 4.94 19.33 5.28
C PHE C 3 5.86 20.33 4.58
N ASN C 4 6.01 21.52 5.14
CA ASN C 4 6.96 22.47 4.53
C ASN C 4 8.36 22.19 5.00
N ILE C 5 9.04 21.28 4.31
CA ILE C 5 10.33 20.82 4.79
C ILE C 5 11.45 21.75 4.40
N LEU C 6 12.24 22.17 5.39
CA LEU C 6 13.32 23.13 5.14
C LEU C 6 14.56 22.76 5.94
N GLY C 7 15.65 22.45 5.25
CA GLY C 7 16.88 22.09 5.96
C GLY C 7 16.68 20.92 6.91
N GLY C 8 16.03 19.87 6.39
CA GLY C 8 15.80 18.68 7.19
C GLY C 8 16.68 17.51 6.82
N TRP C 9 17.87 17.79 6.31
CA TRP C 9 18.82 16.74 5.95
C TRP C 9 19.17 15.85 7.14
N VAL C 10 19.47 14.57 6.88
CA VAL C 10 19.95 13.67 7.95
C VAL C 10 21.38 13.95 8.29
#